data_4OIL
#
_entry.id   4OIL
#
_cell.length_a   54.417
_cell.length_b   65.593
_cell.length_c   70.283
_cell.angle_alpha   90.00
_cell.angle_beta   90.00
_cell.angle_gamma   90.00
#
_symmetry.space_group_name_H-M   'P 21 21 21'
#
loop_
_entity.id
_entity.type
_entity.pdbx_description
1 polymer 'Androgen receptor'
2 polymer 'co-regulator peptide'
3 non-polymer HYDROXYFLUTAMIDE
4 water water
#
loop_
_entity_poly.entity_id
_entity_poly.type
_entity_poly.pdbx_seq_one_letter_code
_entity_poly.pdbx_strand_id
1 'polypeptide(L)'
;QPIFLNVLEAIEPGVVCAGHDNNQPDSFAALLSSLNELGERQLVHVVKWAKALPGFRNLHVDDQMAVIQYSWMGLMVFAM
GWRSFTNVNSAMLYFAPDLVFNEYRMHKSRMYSQCVRMRHLSQEFGWLQITPQEFLCMKALLLFSIIPVDGLKNQKFFDE
LRMNYIKELDRIIACKRKNPTSCSRRFYQLTKLLDSVQPIARELHQFAFDLLIKSHMVSVDFPEMMAEIISVQVPKILSG
KVKPIYFHTQ
;
A
2 'polypeptide(L)' NTTDTLFSQHYR B
#
loop_
_chem_comp.id
_chem_comp.type
_chem_comp.name
_chem_comp.formula
HFT non-polymer HYDROXYFLUTAMIDE 'C11 H11 F3 N2 O4'
#
# COMPACT_ATOMS: atom_id res chain seq x y z
N GLN A 1 -15.06 2.43 19.89
CA GLN A 1 -16.05 1.57 20.61
C GLN A 1 -15.77 0.08 20.40
N PRO A 2 -15.83 -0.40 19.14
CA PRO A 2 -15.56 -1.81 19.11
C PRO A 2 -14.15 -2.09 19.61
N ILE A 3 -14.04 -3.29 20.13
CA ILE A 3 -12.83 -4.03 20.21
C ILE A 3 -12.04 -3.90 18.89
N PHE A 4 -12.76 -3.91 17.79
CA PHE A 4 -12.16 -3.92 16.46
C PHE A 4 -11.25 -2.72 16.21
N LEU A 5 -11.80 -1.54 16.51
CA LEU A 5 -11.12 -0.29 16.25
C LEU A 5 -9.97 -0.17 17.18
N ASN A 6 -10.14 -0.57 18.44
CA ASN A 6 -9.00 -0.60 19.37
C ASN A 6 -7.83 -1.31 18.75
N VAL A 7 -8.09 -2.42 18.07
CA VAL A 7 -6.98 -3.23 17.56
C VAL A 7 -6.21 -2.50 16.49
N LEU A 8 -6.92 -1.87 15.56
CA LEU A 8 -6.26 -1.25 14.42
C LEU A 8 -5.42 -0.11 14.86
N GLU A 9 -5.88 0.57 15.90
CA GLU A 9 -5.13 1.70 16.47
C GLU A 9 -3.87 1.18 17.14
N ALA A 10 -4.07 0.17 17.98
CA ALA A 10 -3.03 -0.44 18.73
C ALA A 10 -1.92 -0.89 17.80
N ILE A 11 -2.26 -1.55 16.68
CA ILE A 11 -1.23 -2.17 15.78
C ILE A 11 -0.71 -1.27 14.65
N GLU A 12 -1.29 -0.08 14.54
CA GLU A 12 -0.91 0.82 13.46
C GLU A 12 0.57 1.19 13.58
N PRO A 13 1.37 0.92 12.54
CA PRO A 13 2.81 1.24 12.61
C PRO A 13 3.09 2.69 12.92
N GLY A 14 4.31 2.94 13.34
CA GLY A 14 4.78 4.28 13.64
C GLY A 14 5.61 4.85 12.49
N VAL A 15 6.34 5.91 12.78
CA VAL A 15 7.07 6.67 11.79
C VAL A 15 8.19 5.75 11.25
N VAL A 16 8.35 5.73 9.93
CA VAL A 16 9.41 5.01 9.28
C VAL A 16 10.14 6.01 8.40
N CYS A 17 11.44 6.11 8.63
CA CYS A 17 12.26 7.05 7.90
C CYS A 17 12.93 6.27 6.77
N ALA A 18 13.21 6.99 5.69
CA ALA A 18 13.83 6.44 4.51
C ALA A 18 15.37 6.35 4.58
N GLY A 19 15.97 7.17 5.45
CA GLY A 19 17.42 7.31 5.55
C GLY A 19 18.01 8.20 4.43
N HIS A 20 17.22 9.07 3.82
CA HIS A 20 17.72 9.85 2.66
C HIS A 20 18.71 10.98 3.07
N ASP A 21 19.73 11.18 2.25
CA ASP A 21 20.65 12.33 2.41
C ASP A 21 20.03 13.60 1.81
N ASN A 22 19.26 14.35 2.59
CA ASN A 22 18.65 15.59 2.06
C ASN A 22 19.62 16.75 1.82
N ASN A 23 20.88 16.56 2.13
CA ASN A 23 21.88 17.56 1.85
C ASN A 23 22.46 17.37 0.42
N GLN A 24 22.42 16.16 -0.12
CA GLN A 24 22.88 15.95 -1.49
C GLN A 24 21.76 16.36 -2.46
N PRO A 25 22.11 17.14 -3.49
CA PRO A 25 21.09 17.50 -4.46
C PRO A 25 20.52 16.27 -5.10
N ASP A 26 19.31 16.41 -5.63
CA ASP A 26 18.51 15.30 -6.06
C ASP A 26 19.04 14.67 -7.34
N SER A 27 19.15 13.36 -7.34
CA SER A 27 19.38 12.62 -8.56
C SER A 27 18.37 11.51 -8.62
N PHE A 28 18.14 11.01 -9.82
CA PHE A 28 17.23 9.90 -9.99
C PHE A 28 17.67 8.71 -9.10
N ALA A 29 18.96 8.39 -9.14
CA ALA A 29 19.48 7.22 -8.44
C ALA A 29 19.34 7.33 -6.94
N ALA A 30 19.73 8.48 -6.42
CA ALA A 30 19.64 8.72 -4.99
C ALA A 30 18.18 8.68 -4.48
N LEU A 31 17.27 9.23 -5.28
CA LEU A 31 15.90 9.32 -4.84
C LEU A 31 15.35 7.92 -4.91
N LEU A 32 15.63 7.26 -6.02
CA LEU A 32 15.11 5.92 -6.23
C LEU A 32 15.75 4.86 -5.32
N SER A 33 17.03 5.03 -4.99
CA SER A 33 17.61 4.25 -3.91
C SER A 33 16.96 4.51 -2.56
N SER A 34 16.72 5.75 -2.20
CA SER A 34 16.06 5.94 -0.91
C SER A 34 14.60 5.45 -0.91
N LEU A 35 13.88 5.47 -2.04
CA LEU A 35 12.49 4.89 -2.06
C LEU A 35 12.47 3.40 -1.93
N ASN A 36 13.39 2.73 -2.63
CA ASN A 36 13.59 1.27 -2.51
C ASN A 36 13.94 0.82 -1.10
N GLU A 37 14.88 1.50 -0.48
CA GLU A 37 15.20 1.23 0.92
C GLU A 37 13.95 1.44 1.77
N LEU A 38 13.31 2.59 1.64
CA LEU A 38 12.04 2.87 2.35
C LEU A 38 11.05 1.74 2.11
N GLY A 39 10.97 1.28 0.87
CA GLY A 39 10.04 0.22 0.55
C GLY A 39 10.24 -0.99 1.44
N GLU A 40 11.50 -1.35 1.61
CA GLU A 40 11.91 -2.55 2.29
C GLU A 40 11.54 -2.36 3.75
N ARG A 41 11.97 -1.24 4.29
CA ARG A 41 11.61 -0.90 5.67
C ARG A 41 10.07 -0.96 5.89
N GLN A 42 9.29 -0.40 4.96
CA GLN A 42 7.83 -0.37 5.17
C GLN A 42 7.24 -1.77 5.00
N LEU A 43 7.79 -2.55 4.08
CA LEU A 43 7.38 -3.95 3.95
C LEU A 43 7.46 -4.71 5.27
N VAL A 44 8.54 -4.51 5.98
CA VAL A 44 8.79 -5.16 7.26
C VAL A 44 7.69 -4.75 8.22
N HIS A 45 7.46 -3.46 8.30
CA HIS A 45 6.32 -2.98 9.12
C HIS A 45 4.98 -3.52 8.62
N VAL A 46 4.71 -3.56 7.33
CA VAL A 46 3.39 -4.10 6.90
C VAL A 46 3.20 -5.58 7.33
N VAL A 47 4.26 -6.37 7.21
CA VAL A 47 4.24 -7.77 7.64
C VAL A 47 3.87 -7.87 9.09
N LYS A 48 4.58 -7.16 9.94
CA LYS A 48 4.27 -7.28 11.35
C LYS A 48 2.84 -6.87 11.63
N TRP A 49 2.37 -5.81 10.98
CA TRP A 49 1.02 -5.22 11.19
C TRP A 49 -0.08 -6.19 10.80
N ALA A 50 0.13 -6.83 9.65
CA ALA A 50 -0.77 -7.80 9.05
C ALA A 50 -1.03 -9.00 9.93
N LYS A 51 0.08 -9.60 10.40
CA LYS A 51 0.02 -10.77 11.31
C LYS A 51 -0.69 -10.51 12.64
N ALA A 52 -0.74 -9.26 13.10
CA ALA A 52 -1.51 -8.93 14.31
C ALA A 52 -2.96 -8.52 14.03
N LEU A 53 -3.37 -8.58 12.79
CA LEU A 53 -4.71 -8.19 12.42
C LEU A 53 -5.62 -9.24 12.94
N PRO A 54 -6.85 -8.83 13.27
CA PRO A 54 -7.80 -9.81 13.78
C PRO A 54 -8.22 -10.85 12.76
N GLY A 55 -8.38 -12.09 13.21
CA GLY A 55 -8.69 -13.19 12.30
C GLY A 55 -7.62 -13.53 11.25
N PHE A 56 -6.48 -12.84 11.22
CA PHE A 56 -5.51 -13.05 10.12
C PHE A 56 -4.88 -14.46 10.15
N ARG A 57 -4.64 -14.95 11.36
CA ARG A 57 -4.04 -16.26 11.59
C ARG A 57 -4.98 -17.36 11.09
N ASN A 58 -6.27 -17.06 10.92
CA ASN A 58 -7.20 -18.03 10.35
C ASN A 58 -6.72 -18.53 8.98
N LEU A 59 -6.07 -17.66 8.21
CA LEU A 59 -5.63 -17.96 6.82
C LEU A 59 -4.55 -19.01 6.77
N HIS A 60 -4.55 -19.78 5.70
CA HIS A 60 -3.41 -20.62 5.44
C HIS A 60 -2.17 -19.74 5.25
N VAL A 61 -1.08 -20.21 5.81
CA VAL A 61 0.17 -19.45 5.88
C VAL A 61 0.62 -18.85 4.55
N ASP A 62 0.50 -19.63 3.51
CA ASP A 62 0.96 -19.25 2.17
C ASP A 62 0.03 -18.21 1.60
N ASP A 63 -1.23 -18.29 2.01
CA ASP A 63 -2.20 -17.22 1.74
C ASP A 63 -1.81 -15.97 2.53
N GLN A 64 -1.40 -16.15 3.77
CA GLN A 64 -0.88 -15.02 4.58
C GLN A 64 0.25 -14.28 3.87
N MET A 65 1.17 -15.01 3.27
CA MET A 65 2.30 -14.35 2.66
C MET A 65 1.85 -13.74 1.36
N ALA A 66 1.09 -14.52 0.61
CA ALA A 66 0.75 -14.13 -0.72
C ALA A 66 0.04 -12.75 -0.66
N VAL A 67 -0.98 -12.75 0.18
CA VAL A 67 -1.87 -11.63 0.36
C VAL A 67 -1.12 -10.37 0.69
N ILE A 68 -0.12 -10.47 1.57
CA ILE A 68 0.68 -9.30 1.95
C ILE A 68 1.55 -8.88 0.73
N GLN A 69 2.12 -9.84 0.05
CA GLN A 69 3.03 -9.53 -1.03
C GLN A 69 2.24 -8.81 -2.12
N TYR A 70 1.08 -9.32 -2.49
CA TYR A 70 0.31 -8.71 -3.55
C TYR A 70 -0.21 -7.36 -3.16
N SER A 71 -0.59 -7.18 -1.90
CA SER A 71 -1.33 -5.96 -1.56
C SER A 71 -0.41 -4.84 -1.04
N TRP A 72 0.84 -5.17 -0.75
CA TRP A 72 1.77 -4.19 -0.16
C TRP A 72 1.89 -2.84 -0.86
N MET A 73 1.99 -2.81 -2.16
CA MET A 73 2.15 -1.50 -2.83
C MET A 73 0.91 -0.62 -2.55
N GLY A 74 -0.28 -1.23 -2.65
CA GLY A 74 -1.53 -0.53 -2.39
C GLY A 74 -1.60 0.07 -1.00
N LEU A 75 -1.31 -0.75 -0.01
CA LEU A 75 -1.37 -0.32 1.38
C LEU A 75 -0.46 0.87 1.64
N MET A 76 0.74 0.80 1.08
CA MET A 76 1.74 1.86 1.16
C MET A 76 1.25 3.15 0.57
N VAL A 77 0.69 3.04 -0.63
CA VAL A 77 0.16 4.18 -1.35
C VAL A 77 -0.93 4.80 -0.47
N PHE A 78 -1.74 3.94 0.10
CA PHE A 78 -2.90 4.43 0.82
C PHE A 78 -2.43 5.21 2.04
N ALA A 79 -1.55 4.58 2.84
CA ALA A 79 -1.11 5.18 4.11
C ALA A 79 -0.30 6.42 3.78
N MET A 80 0.43 6.37 2.67
CA MET A 80 1.25 7.50 2.28
C MET A 80 0.29 8.63 1.90
N GLY A 81 -0.77 8.33 1.17
CA GLY A 81 -1.85 9.32 0.89
C GLY A 81 -2.32 10.06 2.14
N TRP A 82 -2.60 9.31 3.20
CA TRP A 82 -3.02 9.86 4.49
C TRP A 82 -1.95 10.68 5.17
N ARG A 83 -0.74 10.11 5.26
CA ARG A 83 0.39 10.80 5.87
C ARG A 83 0.54 12.16 5.21
N SER A 84 0.43 12.21 3.88
CA SER A 84 0.50 13.46 3.14
C SER A 84 -0.67 14.43 3.48
N PHE A 85 -1.85 13.86 3.67
CA PHE A 85 -3.01 14.63 4.02
C PHE A 85 -2.81 15.20 5.40
N THR A 86 -2.60 14.34 6.39
CA THR A 86 -2.48 14.84 7.76
C THR A 86 -1.29 15.78 8.01
N ASN A 87 -0.13 15.52 7.42
CA ASN A 87 1.09 16.27 7.76
C ASN A 87 1.29 17.54 6.98
N VAL A 88 0.88 17.57 5.73
CA VAL A 88 1.09 18.77 4.94
C VAL A 88 -0.06 19.04 4.00
N ASN A 89 -1.25 18.63 4.38
CA ASN A 89 -2.46 18.95 3.61
C ASN A 89 -2.40 18.66 2.12
N SER A 90 -1.60 17.67 1.75
CA SER A 90 -1.48 17.24 0.37
C SER A 90 -0.75 18.21 -0.55
N ALA A 91 -0.09 19.24 -0.01
CA ALA A 91 0.68 20.16 -0.87
C ALA A 91 1.87 19.42 -1.44
N MET A 92 2.36 18.41 -0.69
CA MET A 92 3.45 17.55 -1.17
C MET A 92 3.23 16.12 -0.72
N LEU A 93 4.09 15.20 -1.20
CA LEU A 93 4.02 13.78 -0.87
C LEU A 93 4.97 13.33 0.24
N TYR A 94 4.38 13.02 1.40
CA TYR A 94 5.12 12.61 2.62
C TYR A 94 5.51 11.13 2.65
N PHE A 95 6.34 10.77 1.72
CA PHE A 95 6.90 9.41 1.75
C PHE A 95 7.49 9.06 3.12
N ALA A 96 8.25 10.00 3.71
CA ALA A 96 8.69 9.82 5.07
C ALA A 96 9.18 11.16 5.51
N PRO A 97 9.45 11.32 6.83
CA PRO A 97 9.94 12.60 7.35
C PRO A 97 11.18 13.06 6.64
N ASP A 98 12.06 12.14 6.30
CA ASP A 98 13.26 12.50 5.60
C ASP A 98 13.14 12.27 4.09
N LEU A 99 11.91 12.25 3.58
CA LEU A 99 11.73 11.98 2.15
C LEU A 99 10.37 12.43 1.71
N VAL A 100 10.26 13.74 1.62
CA VAL A 100 9.06 14.42 1.27
C VAL A 100 9.23 14.97 -0.14
N PHE A 101 8.37 14.54 -1.03
CA PHE A 101 8.48 14.95 -2.42
C PHE A 101 7.74 16.26 -2.66
N ASN A 102 8.46 17.22 -3.22
CA ASN A 102 7.90 18.36 -3.89
C ASN A 102 7.91 18.10 -5.38
N GLU A 103 7.25 18.97 -6.15
CA GLU A 103 7.11 18.73 -7.61
C GLU A 103 8.43 18.46 -8.26
N TYR A 104 9.44 19.18 -7.81
CA TYR A 104 10.74 18.97 -8.40
C TYR A 104 11.16 17.51 -8.22
N ARG A 105 11.01 16.95 -7.02
CA ARG A 105 11.35 15.54 -6.77
C ARG A 105 10.38 14.62 -7.51
N MET A 106 9.11 15.08 -7.61
CA MET A 106 8.17 14.33 -8.44
C MET A 106 8.68 14.11 -9.87
N HIS A 107 9.32 15.12 -10.42
CA HIS A 107 9.80 15.07 -11.80
C HIS A 107 11.12 14.33 -11.91
N LYS A 108 11.99 14.58 -10.95
CA LYS A 108 13.32 13.99 -10.92
C LYS A 108 13.36 12.47 -10.74
N SER A 109 12.44 11.97 -9.93
CA SER A 109 12.24 10.52 -9.75
C SER A 109 11.68 9.87 -10.95
N ARG A 110 11.12 10.65 -11.86
CA ARG A 110 10.54 10.11 -13.10
C ARG A 110 9.23 9.37 -12.82
N MET A 111 8.61 9.69 -11.68
CA MET A 111 7.33 9.12 -11.33
C MET A 111 6.28 10.21 -11.26
N TYR A 112 6.36 11.19 -12.18
CA TYR A 112 5.49 12.36 -12.06
C TYR A 112 4.05 11.93 -12.25
N SER A 113 3.76 11.14 -13.29
CA SER A 113 2.37 10.68 -13.48
C SER A 113 1.84 9.99 -12.22
N GLN A 114 2.58 8.98 -11.75
CA GLN A 114 2.14 8.20 -10.61
C GLN A 114 1.99 9.07 -9.37
N CYS A 115 3.01 9.90 -9.10
CA CYS A 115 2.93 10.88 -7.98
C CYS A 115 1.69 11.81 -8.05
N VAL A 116 1.44 12.35 -9.23
CA VAL A 116 0.27 13.18 -9.48
C VAL A 116 -0.98 12.43 -9.03
N ARG A 117 -1.11 11.18 -9.45
CA ARG A 117 -2.26 10.36 -9.08
C ARG A 117 -2.36 10.26 -7.57
N MET A 118 -1.21 10.06 -6.93
CA MET A 118 -1.21 9.89 -5.48
C MET A 118 -1.52 11.18 -4.78
N ARG A 119 -1.11 12.32 -5.34
CA ARG A 119 -1.46 13.55 -4.63
C ARG A 119 -2.98 13.74 -4.66
N HIS A 120 -3.59 13.30 -5.74
CA HIS A 120 -5.01 13.41 -5.90
C HIS A 120 -5.70 12.49 -4.88
N LEU A 121 -5.13 11.30 -4.70
CA LEU A 121 -5.62 10.39 -3.66
C LEU A 121 -5.56 11.06 -2.29
N SER A 122 -4.44 11.71 -1.99
CA SER A 122 -4.31 12.50 -0.75
C SER A 122 -5.43 13.54 -0.61
N GLN A 123 -5.72 14.21 -1.72
CA GLN A 123 -6.72 15.28 -1.69
C GLN A 123 -8.10 14.76 -1.33
N GLU A 124 -8.40 13.59 -1.87
CA GLU A 124 -9.62 12.90 -1.58
C GLU A 124 -9.79 12.74 -0.08
N PHE A 125 -8.73 12.40 0.64
CA PHE A 125 -8.95 12.31 2.09
C PHE A 125 -9.59 13.62 2.58
N GLY A 126 -9.13 14.73 2.02
CA GLY A 126 -9.61 16.05 2.45
C GLY A 126 -11.03 16.31 1.94
N TRP A 127 -11.20 16.26 0.64
CA TRP A 127 -12.48 16.42 -0.01
C TRP A 127 -13.63 15.63 0.61
N LEU A 128 -13.34 14.40 1.08
CA LEU A 128 -14.36 13.47 1.63
C LEU A 128 -14.41 13.51 3.17
N GLN A 129 -13.57 14.36 3.75
CA GLN A 129 -13.44 14.39 5.22
C GLN A 129 -13.34 12.96 5.83
N ILE A 130 -12.36 12.19 5.35
CA ILE A 130 -12.12 10.82 5.85
C ILE A 130 -11.66 10.87 7.30
N THR A 131 -12.24 10.08 8.19
CA THR A 131 -11.87 10.16 9.60
C THR A 131 -10.75 9.18 9.86
N PRO A 132 -9.99 9.39 10.95
CA PRO A 132 -8.91 8.42 11.23
C PRO A 132 -9.43 6.99 11.32
N GLN A 133 -10.69 6.81 11.72
CA GLN A 133 -11.20 5.47 11.92
C GLN A 133 -11.66 4.86 10.60
N GLU A 134 -12.17 5.69 9.72
CA GLU A 134 -12.45 5.18 8.37
C GLU A 134 -11.15 4.80 7.62
N PHE A 135 -10.10 5.62 7.73
CA PHE A 135 -8.78 5.33 7.17
C PHE A 135 -8.26 3.96 7.63
N LEU A 136 -8.21 3.71 8.93
CA LEU A 136 -7.67 2.44 9.46
C LEU A 136 -8.41 1.19 8.98
N CYS A 137 -9.73 1.29 9.01
CA CYS A 137 -10.59 0.20 8.60
C CYS A 137 -10.50 0.03 7.06
N MET A 138 -10.34 1.13 6.35
CA MET A 138 -10.15 1.02 4.93
C MET A 138 -8.84 0.32 4.66
N LYS A 139 -7.79 0.73 5.36
CA LYS A 139 -6.47 0.20 5.10
C LYS A 139 -6.45 -1.31 5.32
N ALA A 140 -7.06 -1.77 6.42
CA ALA A 140 -7.11 -3.19 6.76
C ALA A 140 -7.80 -3.99 5.66
N LEU A 141 -8.81 -3.41 5.04
CA LEU A 141 -9.54 -4.10 3.96
C LEU A 141 -8.75 -4.13 2.63
N LEU A 142 -7.88 -3.14 2.43
CA LEU A 142 -6.98 -3.16 1.30
C LEU A 142 -6.17 -4.44 1.24
N LEU A 143 -5.76 -4.95 2.41
CA LEU A 143 -4.95 -6.16 2.46
C LEU A 143 -5.68 -7.32 1.84
N PHE A 144 -7.00 -7.31 1.94
CA PHE A 144 -7.86 -8.34 1.35
C PHE A 144 -8.50 -7.99 0.02
N SER A 145 -7.84 -7.16 -0.78
CA SER A 145 -8.47 -6.71 -2.03
C SER A 145 -7.70 -7.13 -3.24
N ILE A 146 -6.83 -8.12 -3.13
CA ILE A 146 -6.10 -8.52 -4.32
C ILE A 146 -5.62 -9.94 -4.23
N ILE A 147 -6.12 -10.77 -5.16
CA ILE A 147 -5.95 -12.23 -5.09
C ILE A 147 -5.73 -12.93 -6.45
N PRO A 148 -5.09 -14.11 -6.42
CA PRO A 148 -4.93 -14.78 -7.67
C PRO A 148 -6.28 -15.13 -8.26
N VAL A 149 -6.36 -14.93 -9.58
CA VAL A 149 -7.50 -15.33 -10.44
C VAL A 149 -8.00 -16.75 -10.15
N ASP A 150 -7.06 -17.67 -9.90
CA ASP A 150 -7.38 -19.05 -9.55
C ASP A 150 -7.50 -19.23 -8.05
N GLY A 151 -7.90 -18.15 -7.36
CA GLY A 151 -8.08 -18.17 -5.91
C GLY A 151 -6.92 -18.71 -5.09
N LEU A 152 -7.11 -18.68 -3.78
CA LEU A 152 -6.09 -19.01 -2.83
C LEU A 152 -6.17 -20.48 -2.38
N LYS A 153 -5.23 -20.90 -1.53
CA LYS A 153 -5.20 -22.28 -1.04
C LYS A 153 -6.43 -22.63 -0.22
N ASN A 154 -6.86 -21.67 0.59
CA ASN A 154 -8.13 -21.79 1.28
C ASN A 154 -9.05 -20.59 1.02
N GLN A 155 -9.63 -20.52 -0.15
CA GLN A 155 -10.49 -19.40 -0.45
C GLN A 155 -11.55 -19.13 0.60
N LYS A 156 -12.18 -20.15 1.16
CA LYS A 156 -13.24 -19.89 2.12
C LYS A 156 -12.83 -18.97 3.25
N PHE A 157 -11.67 -19.23 3.83
CA PHE A 157 -11.26 -18.48 5.03
C PHE A 157 -11.08 -17.01 4.63
N PHE A 158 -10.45 -16.81 3.47
CA PHE A 158 -10.28 -15.46 2.94
C PHE A 158 -11.61 -14.69 2.78
N ASP A 159 -12.60 -15.36 2.20
CA ASP A 159 -13.88 -14.74 1.90
C ASP A 159 -14.57 -14.31 3.21
N GLU A 160 -14.46 -15.15 4.21
CA GLU A 160 -15.05 -14.95 5.51
C GLU A 160 -14.43 -13.70 6.06
N LEU A 161 -13.12 -13.70 6.11
CA LEU A 161 -12.39 -12.56 6.60
C LEU A 161 -12.73 -11.28 5.86
N ARG A 162 -12.68 -11.32 4.54
CA ARG A 162 -12.99 -10.11 3.78
C ARG A 162 -14.43 -9.62 4.06
N MET A 163 -15.37 -10.57 4.11
CA MET A 163 -16.73 -10.25 4.46
C MET A 163 -16.81 -9.47 5.77
N ASN A 164 -16.11 -9.94 6.80
CA ASN A 164 -16.22 -9.36 8.12
C ASN A 164 -15.58 -8.00 8.13
N TYR A 165 -14.50 -7.78 7.38
CA TYR A 165 -13.90 -6.40 7.25
C TYR A 165 -14.80 -5.37 6.53
N ILE A 166 -15.61 -5.84 5.60
CA ILE A 166 -16.59 -5.00 4.97
C ILE A 166 -17.60 -4.64 6.06
N LYS A 167 -18.16 -5.62 6.72
CA LYS A 167 -19.12 -5.36 7.75
C LYS A 167 -18.61 -4.30 8.70
N GLU A 168 -17.36 -4.40 9.13
CA GLU A 168 -16.82 -3.53 10.16
C GLU A 168 -16.66 -2.12 9.68
N LEU A 169 -16.30 -1.98 8.41
CA LEU A 169 -16.32 -0.68 7.75
C LEU A 169 -17.74 -0.06 7.72
N ASP A 170 -18.75 -0.93 7.63
CA ASP A 170 -20.15 -0.55 7.60
C ASP A 170 -20.57 -0.04 9.00
N ARG A 171 -20.27 -0.83 10.04
CA ARG A 171 -20.48 -0.43 11.45
C ARG A 171 -19.95 0.99 11.77
N ILE A 172 -18.71 1.27 11.37
CA ILE A 172 -18.05 2.53 11.72
C ILE A 172 -18.43 3.69 10.79
N ILE A 173 -19.04 3.41 9.64
CA ILE A 173 -19.77 4.41 8.88
C ILE A 173 -21.03 4.80 9.68
N ALA A 174 -21.80 3.79 10.15
CA ALA A 174 -23.03 3.98 10.95
C ALA A 174 -23.07 3.11 12.21
N SER A 182 -27.22 9.06 2.11
CA SER A 182 -27.79 9.07 3.46
C SER A 182 -26.98 8.29 4.52
N CYS A 183 -25.63 8.31 4.42
CA CYS A 183 -24.70 7.36 5.11
C CYS A 183 -24.50 6.14 4.22
N SER A 184 -25.60 5.60 3.74
CA SER A 184 -25.54 4.67 2.65
C SER A 184 -24.70 5.27 1.52
N ARG A 185 -24.74 6.59 1.30
CA ARG A 185 -23.95 7.19 0.21
C ARG A 185 -22.47 7.41 0.57
N ARG A 186 -22.19 7.43 1.86
CA ARG A 186 -20.83 7.41 2.38
C ARG A 186 -20.09 6.13 1.86
N PHE A 187 -20.72 4.99 2.10
CA PHE A 187 -20.22 3.71 1.63
C PHE A 187 -19.93 3.76 0.13
N TYR A 188 -20.81 4.37 -0.65
CA TYR A 188 -20.57 4.38 -2.08
C TYR A 188 -19.24 5.05 -2.31
N GLN A 189 -18.99 6.12 -1.56
CA GLN A 189 -17.85 6.98 -1.83
C GLN A 189 -16.56 6.33 -1.42
N LEU A 190 -16.54 5.78 -0.21
CA LEU A 190 -15.39 5.08 0.32
C LEU A 190 -15.01 3.88 -0.51
N THR A 191 -16.00 3.08 -0.91
CA THR A 191 -15.78 1.95 -1.79
C THR A 191 -15.21 2.47 -3.08
N LYS A 192 -15.70 3.61 -3.55
CA LYS A 192 -15.13 4.15 -4.75
C LYS A 192 -13.68 4.59 -4.49
N LEU A 193 -13.46 5.26 -3.38
CA LEU A 193 -12.13 5.74 -3.10
C LEU A 193 -11.17 4.51 -2.98
N LEU A 194 -11.66 3.43 -2.37
CA LEU A 194 -10.86 2.21 -2.28
C LEU A 194 -10.56 1.60 -3.63
N ASP A 195 -11.59 1.48 -4.47
CA ASP A 195 -11.36 1.10 -5.86
C ASP A 195 -10.22 1.87 -6.52
N SER A 196 -10.06 3.16 -6.19
CA SER A 196 -9.13 3.97 -7.01
C SER A 196 -7.66 3.74 -6.66
N VAL A 197 -7.43 3.01 -5.57
CA VAL A 197 -6.09 2.73 -5.12
C VAL A 197 -5.41 1.75 -6.05
N GLN A 198 -6.22 0.87 -6.63
CA GLN A 198 -5.68 -0.23 -7.41
C GLN A 198 -4.98 0.21 -8.69
N PRO A 199 -5.67 0.99 -9.52
CA PRO A 199 -4.97 1.46 -10.72
C PRO A 199 -3.63 2.22 -10.44
N ILE A 200 -3.53 2.87 -9.27
CA ILE A 200 -2.30 3.59 -8.91
C ILE A 200 -1.21 2.59 -8.55
N ALA A 201 -1.59 1.59 -7.75
CA ALA A 201 -0.62 0.59 -7.34
C ALA A 201 -0.15 -0.14 -8.57
N ARG A 202 -1.09 -0.41 -9.50
CA ARG A 202 -0.71 -1.03 -10.79
C ARG A 202 0.31 -0.18 -11.54
N GLU A 203 0.07 1.14 -11.64
CA GLU A 203 1.09 1.95 -12.27
C GLU A 203 2.44 1.92 -11.53
N LEU A 204 2.40 1.81 -10.22
CA LEU A 204 3.62 1.77 -9.45
C LEU A 204 4.32 0.45 -9.64
N HIS A 205 3.53 -0.61 -9.71
CA HIS A 205 4.07 -1.92 -9.99
C HIS A 205 4.86 -1.96 -11.29
N GLN A 206 4.28 -1.41 -12.37
CA GLN A 206 4.96 -1.37 -13.69
C GLN A 206 6.27 -0.59 -13.61
N PHE A 207 6.21 0.59 -12.97
CA PHE A 207 7.40 1.43 -12.83
C PHE A 207 8.55 0.72 -12.11
N ALA A 208 8.20 0.05 -11.02
CA ALA A 208 9.15 -0.65 -10.16
C ALA A 208 9.73 -1.88 -10.89
N PHE A 209 8.83 -2.70 -11.44
CA PHE A 209 9.21 -3.76 -12.33
C PHE A 209 10.24 -3.29 -13.39
N ASP A 210 9.85 -2.33 -14.22
CA ASP A 210 10.68 -1.82 -15.33
C ASP A 210 12.03 -1.36 -14.76
N LEU A 211 11.95 -0.69 -13.63
CA LEU A 211 13.16 -0.17 -12.99
C LEU A 211 14.08 -1.29 -12.49
N LEU A 212 13.49 -2.33 -11.89
CA LEU A 212 14.27 -3.46 -11.43
C LEU A 212 15.02 -3.95 -12.64
N ILE A 213 14.29 -4.07 -13.75
CA ILE A 213 14.81 -4.66 -14.97
C ILE A 213 15.97 -3.84 -15.53
N LYS A 214 15.97 -2.52 -15.37
CA LYS A 214 17.12 -1.74 -15.85
C LYS A 214 18.11 -1.32 -14.76
N SER A 215 17.91 -1.80 -13.52
CA SER A 215 18.57 -1.24 -12.33
C SER A 215 20.08 -1.29 -12.43
N HIS A 216 20.57 -2.44 -12.88
CA HIS A 216 22.01 -2.67 -13.04
C HIS A 216 22.64 -1.61 -13.92
N MET A 217 21.82 -0.89 -14.68
CA MET A 217 22.26 0.00 -15.76
C MET A 217 21.85 1.46 -15.54
N VAL A 218 21.15 1.78 -14.45
CA VAL A 218 20.94 3.19 -14.06
C VAL A 218 21.52 3.47 -12.66
N SER A 219 22.30 2.53 -12.14
CA SER A 219 22.94 2.67 -10.82
C SER A 219 21.97 2.74 -9.62
N VAL A 220 20.74 2.23 -9.76
CA VAL A 220 19.81 2.10 -8.61
C VAL A 220 20.01 0.76 -7.88
N ASP A 221 20.09 0.84 -6.56
CA ASP A 221 20.32 -0.30 -5.71
C ASP A 221 18.99 -0.86 -5.15
N PHE A 222 18.75 -2.16 -5.38
CA PHE A 222 17.56 -2.85 -4.90
C PHE A 222 17.81 -3.78 -3.73
N PRO A 223 17.23 -3.47 -2.58
CA PRO A 223 17.25 -4.43 -1.49
C PRO A 223 16.68 -5.75 -1.90
N GLU A 224 17.20 -6.77 -1.23
CA GLU A 224 17.05 -8.16 -1.63
C GLU A 224 15.60 -8.60 -1.62
N MET A 225 14.87 -8.20 -0.59
CA MET A 225 13.47 -8.57 -0.50
C MET A 225 12.59 -7.88 -1.57
N MET A 226 13.06 -6.72 -2.05
CA MET A 226 12.39 -5.94 -3.07
C MET A 226 12.55 -6.62 -4.39
N ALA A 227 13.82 -6.82 -4.73
CA ALA A 227 14.14 -7.43 -5.98
C ALA A 227 13.35 -8.72 -6.14
N GLU A 228 13.22 -9.44 -5.04
CA GLU A 228 12.54 -10.70 -5.09
C GLU A 228 11.04 -10.54 -5.33
N ILE A 229 10.39 -9.65 -4.59
CA ILE A 229 8.93 -9.48 -4.72
C ILE A 229 8.59 -8.93 -6.10
N ILE A 230 9.35 -7.93 -6.51
CA ILE A 230 9.15 -7.27 -7.76
C ILE A 230 9.34 -8.20 -8.96
N SER A 231 10.12 -9.25 -8.76
CA SER A 231 10.46 -10.18 -9.83
C SER A 231 9.62 -11.44 -9.81
N VAL A 232 9.04 -11.77 -8.66
CA VAL A 232 8.34 -13.04 -8.53
C VAL A 232 6.83 -12.92 -8.37
N GLN A 233 6.42 -11.95 -7.58
CA GLN A 233 5.00 -11.77 -7.29
C GLN A 233 4.42 -10.70 -8.15
N VAL A 234 5.11 -9.58 -8.25
CA VAL A 234 4.59 -8.48 -9.08
C VAL A 234 4.25 -8.88 -10.51
N PRO A 235 5.16 -9.58 -11.20
CA PRO A 235 4.81 -9.96 -12.55
C PRO A 235 3.53 -10.77 -12.61
N LYS A 236 3.12 -11.43 -11.52
CA LYS A 236 1.83 -12.12 -11.52
C LYS A 236 0.67 -11.11 -11.60
N ILE A 237 0.86 -9.93 -11.03
CA ILE A 237 -0.17 -8.89 -11.09
C ILE A 237 -0.22 -8.28 -12.49
N LEU A 238 0.93 -7.88 -13.01
CA LEU A 238 1.03 -7.28 -14.34
C LEU A 238 0.65 -8.26 -15.46
N SER A 239 0.76 -9.57 -15.25
CA SER A 239 0.33 -10.51 -16.29
C SER A 239 -1.17 -10.86 -16.20
N GLY A 240 -1.82 -10.39 -15.16
CA GLY A 240 -3.23 -10.67 -15.05
C GLY A 240 -3.55 -11.98 -14.37
N LYS A 241 -2.57 -12.69 -13.81
CA LYS A 241 -2.86 -13.87 -12.93
C LYS A 241 -3.43 -13.48 -11.56
N VAL A 242 -3.09 -12.28 -11.12
CA VAL A 242 -3.49 -11.78 -9.82
C VAL A 242 -4.20 -10.48 -10.10
N LYS A 243 -5.48 -10.41 -9.74
CA LYS A 243 -6.31 -9.26 -10.04
C LYS A 243 -6.88 -8.69 -8.75
N PRO A 244 -7.17 -7.38 -8.73
CA PRO A 244 -7.75 -6.81 -7.56
C PRO A 244 -9.24 -7.06 -7.51
N ILE A 245 -9.80 -6.92 -6.31
CA ILE A 245 -11.21 -7.01 -6.09
C ILE A 245 -11.75 -5.59 -6.03
N TYR A 246 -12.61 -5.28 -6.99
CA TYR A 246 -13.22 -3.98 -7.08
C TYR A 246 -14.65 -4.10 -6.59
N PHE A 247 -15.06 -3.10 -5.85
CA PHE A 247 -16.43 -2.99 -5.45
C PHE A 247 -17.22 -2.70 -6.69
N HIS A 248 -16.75 -1.73 -7.50
CA HIS A 248 -17.50 -1.24 -8.66
C HIS A 248 -16.85 -1.64 -9.95
N THR A 249 -17.64 -1.68 -11.01
CA THR A 249 -17.22 -2.27 -12.27
C THR A 249 -16.86 -1.21 -13.33
N THR B 5 12.25 -18.87 -0.41
CA THR B 5 12.30 -17.46 -0.93
C THR B 5 12.76 -16.51 0.19
N LEU B 6 13.16 -15.30 -0.19
CA LEU B 6 13.60 -14.25 0.77
C LEU B 6 12.44 -13.63 1.60
N PHE B 7 11.19 -13.85 1.19
CA PHE B 7 10.02 -13.48 1.99
C PHE B 7 9.61 -14.61 2.94
N SER B 8 9.56 -15.86 2.43
CA SER B 8 9.21 -17.02 3.25
C SER B 8 10.39 -17.55 4.08
N GLN B 9 11.61 -17.08 3.78
CA GLN B 9 12.81 -17.31 4.63
C GLN B 9 12.91 -16.31 5.80
N HIS B 10 11.97 -15.36 5.86
CA HIS B 10 11.89 -14.44 7.00
C HIS B 10 10.41 -14.28 7.40
N TYR B 11 9.77 -15.45 7.54
CA TYR B 11 8.35 -15.61 7.87
C TYR B 11 8.12 -17.12 8.10
F1 HFT C . 4.14 4.45 -3.57
C7 HFT C . 4.24 4.55 -2.27
F2 HFT C . 3.29 3.79 -1.76
F3 HFT C . 3.99 5.80 -1.88
C3 HFT C . 5.64 4.13 -1.82
C2 HFT C . 6.50 3.53 -2.76
C4 HFT C . 6.16 4.32 -0.44
N1 HFT C . 5.41 4.87 0.62
O2 HFT C . 6.02 5.11 1.83
O1 HFT C . 4.21 5.10 0.57
C5 HFT C . 7.47 3.87 -0.17
C6 HFT C . 8.29 3.27 -1.14
C1 HFT C . 7.81 3.09 -2.43
N9 HFT C . 8.64 2.50 -3.32
C10 HFT C . 8.39 2.22 -4.61
O10 HFT C . 7.33 2.39 -5.20
C11 HFT C . 9.49 1.58 -5.43
C12 HFT C . 9.67 0.08 -5.26
C13 HFT C . 10.35 2.45 -6.31
O11 HFT C . 10.51 1.81 -4.38
#